data_3U74
#
_entry.id   3U74
#
_cell.length_a   111.235
_cell.length_b   111.235
_cell.length_c   78.571
_cell.angle_alpha   90.00
_cell.angle_beta   90.00
_cell.angle_gamma   120.00
#
_symmetry.space_group_name_H-M   'H 3'
#
loop_
_entity.id
_entity.type
_entity.pdbx_description
1 polymer 'Urokinase plasminogen activator surface receptor'
2 branched 2-acetamido-2-deoxy-beta-D-glucopyranose-(1-4)-2-acetamido-2-deoxy-beta-D-glucopyranose
3 non-polymer 2-acetamido-2-deoxy-beta-D-glucopyranose
4 water water
#
_entity_poly.entity_id   1
_entity_poly.type   'polypeptide(L)'
_entity_poly.pdbx_seq_one_letter_code
;LRCMQCKTNGDCRVEECALGQDLCRTTIVRLWEEGEELELVEKSCTCSEKTNRTLSYRTGLKITSLTEVVCGLDLCNQGN
SGRAVTYSRSRYLECISCGSSDMSCERGRHQSLQCRSPEEQCLDVVTHWIQEGEEGRPKDDRHLRGCGYLPGCPGSNGFH
NNDTFHFLKCCNTTKCNEGPILELENLPQNGRQCYSCKGNSTHGCSSEETFLIDCRGPMNQCLVATGTHEPKNQSYMVRG
CATASMCQHAHLGDAFSMCHIDVSCCTKSGCNHPDLDVQYRSG
;
_entity_poly.pdbx_strand_id   U
#
# COMPACT_ATOMS: atom_id res chain seq x y z
N LEU A 1 6.03 22.69 10.41
CA LEU A 1 5.07 22.68 9.26
C LEU A 1 3.72 22.86 9.89
N ARG A 2 2.79 23.47 9.16
CA ARG A 2 1.40 23.42 9.64
C ARG A 2 0.40 22.99 8.58
N CYS A 3 -0.67 22.36 9.06
CA CYS A 3 -1.71 21.78 8.15
C CYS A 3 -3.08 22.00 8.79
N MET A 4 -4.13 21.90 7.99
CA MET A 4 -5.45 21.72 8.60
C MET A 4 -5.60 20.36 9.25
N GLN A 5 -6.22 20.35 10.41
CA GLN A 5 -6.61 19.13 11.03
C GLN A 5 -8.13 19.10 11.19
N CYS A 6 -8.75 18.06 10.62
CA CYS A 6 -10.25 17.97 10.54
C CYS A 6 -10.66 16.59 10.94
N LYS A 7 -11.63 16.51 11.85
CA LYS A 7 -12.31 15.26 12.09
C LYS A 7 -13.44 15.06 10.99
N THR A 8 -13.89 13.82 10.80
CA THR A 8 -14.94 13.51 9.81
C THR A 8 -16.25 14.31 10.05
N ASN A 9 -16.48 14.70 11.31
CA ASN A 9 -17.57 15.62 11.64
C ASN A 9 -17.46 17.00 11.01
N GLY A 10 -16.36 17.31 10.33
CA GLY A 10 -16.38 18.53 9.49
C GLY A 10 -15.78 19.70 10.29
N ASP A 11 -15.45 19.47 11.58
CA ASP A 11 -14.71 20.48 12.35
C ASP A 11 -13.17 20.43 12.15
N CYS A 12 -12.59 21.56 11.72
CA CYS A 12 -11.18 21.70 11.37
C CYS A 12 -10.45 22.76 12.21
N ARG A 13 -9.14 22.61 12.38
CA ARG A 13 -8.32 23.70 12.91
C ARG A 13 -6.88 23.59 12.42
N VAL A 14 -6.11 24.66 12.57
CA VAL A 14 -4.75 24.63 12.09
C VAL A 14 -3.95 23.83 13.12
N GLU A 15 -3.13 22.90 12.60
CA GLU A 15 -2.30 22.12 13.48
C GLU A 15 -0.83 22.38 13.22
N GLU A 16 -0.15 22.83 14.26
CA GLU A 16 1.32 22.94 14.25
C GLU A 16 1.93 21.53 14.25
N CYS A 17 2.63 21.17 13.18
CA CYS A 17 3.07 19.77 13.03
C CYS A 17 4.20 19.36 13.97
N ALA A 18 4.01 18.22 14.65
CA ALA A 18 5.02 17.67 15.55
C ALA A 18 6.34 17.39 14.80
N LEU A 19 7.44 17.50 15.54
CA LEU A 19 8.77 17.35 14.94
C LEU A 19 8.87 15.99 14.20
N GLY A 20 9.28 16.02 12.93
CA GLY A 20 9.26 14.78 12.13
C GLY A 20 7.94 14.44 11.47
N GLN A 21 6.88 15.18 11.77
CA GLN A 21 5.72 15.20 10.87
C GLN A 21 6.00 16.26 9.83
N ASP A 22 6.32 15.83 8.61
CA ASP A 22 6.74 16.76 7.54
C ASP A 22 5.80 16.84 6.33
N LEU A 23 4.63 16.18 6.40
CA LEU A 23 3.58 16.23 5.34
C LEU A 23 2.19 16.69 5.87
N CYS A 24 1.34 17.23 4.98
CA CYS A 24 -0.08 17.35 5.31
C CYS A 24 -0.91 16.31 4.50
N ARG A 25 -2.05 15.82 5.03
CA ARG A 25 -2.86 14.89 4.22
C ARG A 25 -4.34 15.14 4.30
N THR A 26 -5.00 14.75 3.22
CA THR A 26 -6.42 14.57 3.19
C THR A 26 -6.72 13.11 2.87
N THR A 27 -7.47 12.48 3.77
CA THR A 27 -8.01 11.13 3.58
C THR A 27 -9.52 11.23 3.36
N ILE A 28 -10.01 10.53 2.34
CA ILE A 28 -11.38 10.60 1.89
C ILE A 28 -11.93 9.23 1.60
N VAL A 29 -13.05 8.94 2.25
CA VAL A 29 -13.83 7.78 1.94
C VAL A 29 -15.13 8.28 1.28
N ARG A 30 -15.43 7.79 0.08
CA ARG A 30 -16.72 8.09 -0.61
C ARG A 30 -17.49 6.84 -0.97
N LEU A 31 -18.79 6.79 -0.61
CA LEU A 31 -19.66 5.63 -0.86
C LEU A 31 -20.85 6.05 -1.73
N TRP A 32 -20.93 5.56 -2.97
CA TRP A 32 -22.15 5.71 -3.76
C TRP A 32 -22.95 4.45 -3.69
N GLU A 33 -24.23 4.61 -3.36
CA GLU A 33 -25.16 3.48 -3.24
C GLU A 33 -26.49 3.89 -3.82
N GLU A 34 -26.95 3.22 -4.88
CA GLU A 34 -28.35 3.38 -5.37
C GLU A 34 -28.93 4.75 -5.01
N GLY A 35 -28.40 5.77 -5.68
CA GLY A 35 -28.89 7.12 -5.49
C GLY A 35 -28.16 8.02 -4.50
N GLU A 36 -27.63 7.48 -3.40
CA GLU A 36 -27.00 8.35 -2.38
C GLU A 36 -25.47 8.27 -2.30
N GLU A 37 -24.85 9.43 -2.14
CA GLU A 37 -23.42 9.54 -1.92
C GLU A 37 -23.16 10.05 -0.50
N LEU A 38 -22.29 9.32 0.19
CA LEU A 38 -21.86 9.68 1.52
C LEU A 38 -20.37 9.87 1.46
N GLU A 39 -19.87 10.78 2.29
CA GLU A 39 -18.46 11.13 2.25
C GLU A 39 -17.91 11.42 3.64
N LEU A 40 -16.71 10.92 3.95
CA LEU A 40 -16.03 11.22 5.22
C LEU A 40 -14.63 11.72 4.87
N VAL A 41 -14.28 12.87 5.45
CA VAL A 41 -13.01 13.47 5.17
C VAL A 41 -12.23 13.63 6.48
N GLU A 42 -11.00 13.10 6.54
CA GLU A 42 -10.03 13.49 7.59
C GLU A 42 -8.82 14.23 7.00
N LYS A 43 -8.34 15.21 7.77
CA LYS A 43 -7.11 15.94 7.46
C LYS A 43 -6.19 15.92 8.64
N SER A 44 -4.89 15.90 8.38
CA SER A 44 -3.99 16.01 9.50
C SER A 44 -2.59 16.23 9.02
N CYS A 45 -1.72 16.48 10.00
CA CYS A 45 -0.27 16.42 9.79
C CYS A 45 0.12 14.96 9.63
N THR A 46 0.99 14.66 8.69
CA THR A 46 1.44 13.29 8.61
C THR A 46 3.01 13.14 8.60
N CYS A 47 3.52 11.90 8.53
CA CYS A 47 4.96 11.61 8.53
C CYS A 47 5.27 11.11 7.11
N SER A 48 6.41 11.49 6.56
CA SER A 48 6.62 11.28 5.15
C SER A 48 7.07 9.87 4.75
N GLU A 49 7.13 9.78 3.42
CA GLU A 49 7.12 8.56 2.66
C GLU A 49 5.67 8.11 2.73
N LYS A 50 4.86 8.94 2.08
CA LYS A 50 3.48 8.63 1.67
C LYS A 50 3.37 9.20 0.26
N THR A 51 2.49 8.64 -0.57
CA THR A 51 2.14 9.25 -1.85
C THR A 51 0.67 9.52 -2.03
N ASN A 52 0.31 9.97 -3.21
CA ASN A 52 -1.06 10.18 -3.59
C ASN A 52 -1.57 8.90 -4.20
N ARG A 53 -2.75 8.47 -3.80
CA ARG A 53 -3.30 7.26 -4.35
C ARG A 53 -4.81 7.23 -4.26
N THR A 54 -5.45 6.65 -5.26
CA THR A 54 -6.87 6.54 -5.18
C THR A 54 -7.33 5.22 -5.70
N LEU A 55 -8.49 4.80 -5.21
CA LEU A 55 -9.05 3.50 -5.54
C LEU A 55 -10.58 3.45 -5.45
N SER A 56 -11.21 2.89 -6.48
CA SER A 56 -12.68 2.69 -6.52
C SER A 56 -13.01 1.32 -7.00
N TYR A 57 -13.90 0.68 -6.25
CA TYR A 57 -14.30 -0.66 -6.59
C TYR A 57 -15.79 -0.87 -6.26
N ARG A 58 -16.39 -1.90 -6.89
CA ARG A 58 -17.80 -2.26 -6.72
C ARG A 58 -17.98 -3.34 -5.67
N THR A 59 -19.01 -3.16 -4.84
CA THR A 59 -19.57 -4.15 -3.94
C THR A 59 -21.11 -4.15 -4.11
N GLY A 60 -21.64 -5.24 -4.68
CA GLY A 60 -23.06 -5.34 -5.06
C GLY A 60 -23.49 -4.17 -5.93
N LEU A 61 -24.40 -3.37 -5.42
CA LEU A 61 -24.80 -2.12 -6.11
C LEU A 61 -24.01 -0.89 -5.69
N LYS A 62 -23.20 -1.03 -4.63
CA LYS A 62 -22.45 0.10 -4.08
C LYS A 62 -21.12 0.31 -4.78
N ILE A 63 -20.68 1.56 -4.78
CA ILE A 63 -19.31 1.88 -5.18
C ILE A 63 -18.62 2.59 -4.04
N THR A 64 -17.39 2.14 -3.75
CA THR A 64 -16.58 2.67 -2.66
C THR A 64 -15.34 3.32 -3.23
N SER A 65 -15.02 4.51 -2.76
CA SER A 65 -13.95 5.30 -3.33
C SER A 65 -12.99 5.75 -2.20
N LEU A 66 -11.69 5.44 -2.33
CA LEU A 66 -10.70 5.71 -1.25
C LEU A 66 -9.62 6.60 -1.81
N THR A 67 -9.27 7.63 -1.06
CA THR A 67 -8.35 8.59 -1.55
C THR A 67 -7.51 9.20 -0.47
N GLU A 68 -6.22 9.33 -0.78
CA GLU A 68 -5.29 10.12 0.04
C GLU A 68 -4.45 10.99 -0.85
N VAL A 69 -4.41 12.29 -0.58
CA VAL A 69 -3.42 13.15 -1.20
C VAL A 69 -2.59 13.78 -0.10
N VAL A 70 -1.32 14.00 -0.40
CA VAL A 70 -0.42 14.61 0.57
C VAL A 70 0.37 15.70 -0.11
N CYS A 71 0.89 16.60 0.72
CA CYS A 71 1.60 17.80 0.24
C CYS A 71 2.49 18.34 1.36
N GLY A 72 3.43 19.20 0.97
CA GLY A 72 4.53 19.62 1.84
C GLY A 72 4.50 21.04 2.39
N LEU A 73 3.69 21.91 1.79
CA LEU A 73 3.60 23.31 2.20
C LEU A 73 2.61 23.57 3.35
N ASP A 74 2.90 24.62 4.12
CA ASP A 74 2.02 25.06 5.19
C ASP A 74 0.64 25.06 4.69
N LEU A 75 -0.24 24.43 5.46
CA LEU A 75 -1.68 24.46 5.16
C LEU A 75 -1.99 24.07 3.73
N CYS A 76 -1.14 23.23 3.16
CA CYS A 76 -1.30 22.81 1.80
C CYS A 76 -2.51 21.88 1.67
N ASN A 77 -3.04 21.35 2.81
CA ASN A 77 -4.28 20.51 2.80
C ASN A 77 -5.59 21.30 2.96
N GLN A 78 -5.49 22.62 2.89
CA GLN A 78 -6.60 23.58 3.00
C GLN A 78 -7.95 23.28 2.28
N GLY A 79 -7.94 23.24 0.95
CA GLY A 79 -9.20 23.29 0.20
C GLY A 79 -9.64 21.93 -0.25
N ASN A 80 -8.74 21.27 -0.97
CA ASN A 80 -8.98 19.94 -1.51
C ASN A 80 -7.86 18.93 -1.30
N ARG A 91 -17.42 7.36 -18.72
CA ARG A 91 -16.62 8.54 -19.02
C ARG A 91 -15.27 8.16 -19.65
N TYR A 92 -14.58 7.16 -19.05
CA TYR A 92 -13.18 6.84 -19.40
C TYR A 92 -12.86 5.34 -19.41
N LEU A 93 -11.59 4.99 -19.24
CA LEU A 93 -11.14 3.60 -19.34
C LEU A 93 -12.02 2.63 -18.56
N GLU A 94 -12.29 1.48 -19.17
CA GLU A 94 -13.18 0.49 -18.60
C GLU A 94 -12.39 -0.63 -17.93
N CYS A 95 -12.69 -0.91 -16.67
CA CYS A 95 -11.89 -1.82 -15.85
C CYS A 95 -12.78 -2.86 -15.22
N ILE A 96 -12.21 -3.99 -14.80
CA ILE A 96 -12.96 -4.97 -13.98
C ILE A 96 -12.96 -4.48 -12.55
N SER A 97 -13.88 -4.99 -11.75
CA SER A 97 -14.02 -4.53 -10.39
C SER A 97 -14.75 -5.54 -9.50
N CYS A 98 -14.34 -5.56 -8.24
CA CYS A 98 -14.90 -6.44 -7.25
C CYS A 98 -14.23 -6.09 -5.93
N GLY A 99 -14.66 -6.74 -4.85
CA GLY A 99 -14.23 -6.46 -3.49
C GLY A 99 -14.28 -7.75 -2.68
N SER A 100 -14.07 -7.67 -1.37
CA SER A 100 -13.86 -8.86 -0.53
C SER A 100 -14.95 -9.02 0.55
N SER A 101 -15.36 -7.89 1.15
CA SER A 101 -16.50 -7.82 2.09
C SER A 101 -17.70 -8.66 1.62
N ASP A 102 -18.09 -8.48 0.37
CA ASP A 102 -19.10 -9.36 -0.19
C ASP A 102 -18.51 -10.66 -0.75
N MET A 103 -17.18 -10.80 -0.71
CA MET A 103 -16.50 -11.96 -1.29
C MET A 103 -16.68 -12.12 -2.81
N SER A 104 -16.94 -11.02 -3.50
CA SER A 104 -17.18 -11.05 -4.95
C SER A 104 -15.93 -11.28 -5.79
N CYS A 105 -14.80 -10.76 -5.31
CA CYS A 105 -13.51 -11.04 -5.95
C CYS A 105 -13.30 -12.55 -5.92
N GLU A 106 -13.35 -13.14 -4.72
CA GLU A 106 -13.05 -14.59 -4.51
C GLU A 106 -14.06 -15.54 -5.19
N ARG A 107 -15.34 -15.19 -5.14
CA ARG A 107 -16.38 -16.03 -5.75
C ARG A 107 -16.45 -15.96 -7.27
N GLY A 108 -15.89 -14.92 -7.86
CA GLY A 108 -15.82 -14.83 -9.32
C GLY A 108 -16.92 -14.01 -10.00
N ARG A 109 -17.73 -13.33 -9.21
CA ARG A 109 -18.76 -12.42 -9.70
C ARG A 109 -18.09 -11.05 -9.87
N HIS A 110 -17.67 -10.71 -11.10
CA HIS A 110 -16.87 -9.49 -11.33
C HIS A 110 -17.56 -8.48 -12.17
N GLN A 111 -18.17 -7.49 -11.53
CA GLN A 111 -18.97 -6.47 -12.21
C GLN A 111 -18.01 -5.47 -12.89
N SER A 112 -18.50 -4.73 -13.87
CA SER A 112 -17.66 -3.86 -14.73
C SER A 112 -17.76 -2.40 -14.30
N LEU A 113 -16.67 -1.62 -14.46
CA LEU A 113 -16.61 -0.27 -13.91
C LEU A 113 -15.82 0.69 -14.78
N GLN A 114 -16.50 1.73 -15.27
CA GLN A 114 -15.91 2.76 -16.13
C GLN A 114 -15.23 3.84 -15.26
N CYS A 115 -13.98 4.19 -15.56
CA CYS A 115 -13.28 5.07 -14.65
C CYS A 115 -13.71 6.51 -14.89
N ARG A 116 -13.86 7.25 -13.80
CA ARG A 116 -14.51 8.56 -13.80
C ARG A 116 -13.51 9.62 -14.28
N SER A 117 -12.22 9.26 -14.26
CA SER A 117 -11.14 10.19 -14.61
C SER A 117 -10.15 9.64 -15.67
N PRO A 118 -9.61 10.54 -16.51
CA PRO A 118 -8.72 10.14 -17.61
C PRO A 118 -7.45 9.43 -17.13
N GLU A 119 -6.93 9.81 -15.96
CA GLU A 119 -5.63 9.28 -15.48
C GLU A 119 -5.74 8.03 -14.61
N GLU A 120 -6.96 7.65 -14.25
CA GLU A 120 -7.22 6.40 -13.51
C GLU A 120 -6.92 5.17 -14.39
N GLN A 121 -6.46 4.07 -13.77
CA GLN A 121 -6.16 2.82 -14.52
C GLN A 121 -6.75 1.63 -13.81
N CYS A 122 -6.62 0.43 -14.36
CA CYS A 122 -7.27 -0.69 -13.72
C CYS A 122 -6.39 -1.20 -12.60
N LEU A 123 -6.97 -1.39 -11.42
CA LEU A 123 -6.19 -1.79 -10.27
C LEU A 123 -6.54 -3.13 -9.75
N ASP A 124 -5.56 -3.74 -9.08
CA ASP A 124 -5.67 -5.04 -8.48
C ASP A 124 -4.81 -4.93 -7.25
N VAL A 125 -5.37 -5.19 -6.06
CA VAL A 125 -4.54 -5.07 -4.86
C VAL A 125 -4.86 -6.09 -3.83
N VAL A 126 -3.86 -6.89 -3.49
CA VAL A 126 -3.99 -8.04 -2.61
C VAL A 126 -3.22 -7.71 -1.34
N THR A 127 -3.76 -8.15 -0.20
CA THR A 127 -3.16 -7.88 1.10
C THR A 127 -3.54 -9.00 2.00
N HIS A 128 -2.59 -9.62 2.69
CA HIS A 128 -2.91 -10.39 3.91
C HIS A 128 -1.85 -10.63 4.95
N TRP A 129 -2.29 -10.69 6.22
CA TRP A 129 -1.50 -11.20 7.33
C TRP A 129 -1.94 -12.61 7.67
N ASP A 140 -7.83 -15.15 5.21
CA ASP A 140 -8.22 -13.75 5.30
C ASP A 140 -7.42 -12.85 4.35
N ASP A 141 -7.48 -13.20 3.06
CA ASP A 141 -7.08 -12.28 2.00
C ASP A 141 -8.11 -11.17 1.85
N ARG A 142 -7.62 -9.98 1.51
CA ARG A 142 -8.46 -8.87 1.17
C ARG A 142 -8.08 -8.58 -0.26
N HIS A 143 -9.09 -8.46 -1.09
CA HIS A 143 -8.94 -8.30 -2.53
C HIS A 143 -9.78 -7.18 -2.97
N LEU A 144 -9.18 -6.28 -3.71
CA LEU A 144 -9.89 -5.12 -4.16
C LEU A 144 -9.48 -5.01 -5.55
N ARG A 145 -10.44 -4.77 -6.45
CA ARG A 145 -10.16 -4.68 -7.87
C ARG A 145 -11.06 -3.59 -8.37
N GLY A 146 -10.53 -2.69 -9.19
CA GLY A 146 -11.31 -1.56 -9.64
C GLY A 146 -10.58 -0.61 -10.52
N CYS A 147 -10.95 0.69 -10.42
CA CYS A 147 -10.17 1.81 -10.98
C CYS A 147 -9.36 2.51 -9.88
N GLY A 148 -8.19 3.06 -10.23
CA GLY A 148 -7.46 3.95 -9.33
C GLY A 148 -6.19 4.52 -9.93
N TYR A 149 -5.44 5.24 -9.13
CA TYR A 149 -4.13 5.71 -9.56
C TYR A 149 -3.10 5.77 -8.45
N LEU A 150 -1.86 5.55 -8.88
CA LEU A 150 -0.68 5.72 -8.07
C LEU A 150 0.42 6.19 -9.02
N PRO A 151 1.39 6.95 -8.49
CA PRO A 151 2.59 7.40 -9.21
C PRO A 151 3.29 6.31 -10.03
N GLY A 152 3.41 5.12 -9.48
CA GLY A 152 4.00 4.01 -10.25
C GLY A 152 3.45 3.74 -11.64
N CYS A 153 2.12 3.82 -11.80
CA CYS A 153 1.37 3.16 -12.88
C CYS A 153 1.61 3.61 -14.37
N PRO A 154 1.47 2.67 -15.34
CA PRO A 154 1.28 1.24 -15.19
C PRO A 154 2.51 0.56 -14.66
N GLY A 155 2.29 -0.51 -13.91
CA GLY A 155 3.35 -1.16 -13.19
C GLY A 155 2.73 -2.11 -12.22
N SER A 156 3.57 -2.69 -11.38
CA SER A 156 3.15 -3.55 -10.30
C SER A 156 4.24 -3.56 -9.27
N ASN A 157 3.89 -3.86 -8.03
CA ASN A 157 4.87 -4.02 -6.97
C ASN A 157 4.32 -4.92 -5.92
N GLY A 158 5.21 -5.50 -5.13
CA GLY A 158 4.83 -6.64 -4.30
C GLY A 158 5.92 -6.99 -3.30
N PHE A 159 5.47 -7.57 -2.19
CA PHE A 159 6.30 -8.08 -1.16
C PHE A 159 5.62 -9.32 -0.59
N HIS A 160 6.42 -10.34 -0.25
CA HIS A 160 5.89 -11.40 0.59
C HIS A 160 6.95 -11.96 1.49
N ASN A 161 6.53 -12.43 2.67
CA ASN A 161 7.40 -13.21 3.50
C ASN A 161 6.61 -14.44 4.01
N ASN A 162 7.00 -15.04 5.14
CA ASN A 162 6.38 -16.30 5.55
C ASN A 162 4.91 -16.15 5.83
N ASP A 163 4.48 -15.06 6.44
CA ASP A 163 3.05 -14.88 6.74
C ASP A 163 2.43 -13.62 6.13
N THR A 164 3.11 -12.98 5.17
CA THR A 164 2.63 -11.71 4.65
C THR A 164 2.74 -11.67 3.16
N PHE A 165 1.71 -11.15 2.48
CA PHE A 165 1.65 -10.92 1.02
C PHE A 165 0.94 -9.56 0.74
N HIS A 166 1.61 -8.65 0.03
CA HIS A 166 1.01 -7.38 -0.37
C HIS A 166 1.28 -7.35 -1.80
N PHE A 167 0.29 -6.99 -2.61
CA PHE A 167 0.57 -6.90 -4.03
C PHE A 167 -0.27 -5.89 -4.73
N LEU A 168 0.32 -5.19 -5.67
CA LEU A 168 -0.42 -4.18 -6.36
C LEU A 168 -0.08 -4.18 -7.84
N LYS A 169 -1.10 -4.16 -8.69
CA LYS A 169 -0.89 -4.09 -10.14
C LYS A 169 -1.77 -3.02 -10.78
N CYS A 170 -1.14 -2.21 -11.65
CA CYS A 170 -1.87 -1.28 -12.51
C CYS A 170 -1.60 -1.42 -14.00
N CYS A 171 -2.70 -1.51 -14.74
CA CYS A 171 -2.66 -1.76 -16.16
C CYS A 171 -3.30 -0.59 -16.91
N ASN A 172 -2.81 -0.34 -18.13
CA ASN A 172 -3.20 0.84 -18.93
C ASN A 172 -4.29 0.59 -19.99
N THR A 173 -4.85 -0.63 -20.06
CA THR A 173 -5.78 -1.00 -21.16
C THR A 173 -7.04 -1.79 -20.73
N THR A 174 -8.04 -1.79 -21.61
CA THR A 174 -9.43 -2.17 -21.28
C THR A 174 -9.60 -3.57 -20.66
N LYS A 175 -10.30 -3.60 -19.53
CA LYS A 175 -10.53 -4.78 -18.72
C LYS A 175 -9.27 -5.60 -18.49
N CYS A 176 -8.11 -4.98 -18.65
CA CYS A 176 -6.88 -5.76 -18.52
C CYS A 176 -6.74 -6.48 -17.15
N ASN A 177 -7.46 -6.03 -16.11
CA ASN A 177 -7.34 -6.61 -14.75
C ASN A 177 -8.27 -7.81 -14.54
N GLU A 178 -8.89 -8.26 -15.62
CA GLU A 178 -9.72 -9.45 -15.63
C GLU A 178 -8.84 -10.65 -15.30
N GLY A 179 -9.38 -11.64 -14.60
CA GLY A 179 -8.64 -12.87 -14.45
C GLY A 179 -8.94 -13.54 -13.15
N PRO A 180 -8.32 -14.70 -12.90
CA PRO A 180 -8.54 -15.31 -11.58
C PRO A 180 -7.86 -14.44 -10.53
N ILE A 181 -8.28 -14.55 -9.27
CA ILE A 181 -7.66 -13.69 -8.26
C ILE A 181 -6.25 -14.18 -7.98
N LEU A 182 -5.29 -13.26 -7.99
CA LEU A 182 -3.86 -13.56 -7.72
C LEU A 182 -3.61 -13.97 -6.26
N GLU A 183 -2.98 -15.12 -6.13
CA GLU A 183 -2.72 -15.75 -4.88
C GLU A 183 -1.27 -16.11 -4.96
N LEU A 184 -0.61 -16.06 -3.80
CA LEU A 184 0.81 -16.24 -3.70
C LEU A 184 1.23 -17.63 -4.14
N GLU A 185 0.43 -18.63 -3.74
CA GLU A 185 0.77 -20.04 -4.02
C GLU A 185 0.75 -20.37 -5.51
N ASN A 186 0.21 -19.49 -6.35
CA ASN A 186 0.32 -19.76 -7.80
C ASN A 186 1.47 -19.10 -8.55
N LEU A 187 2.26 -18.24 -7.90
CA LEU A 187 3.53 -17.78 -8.48
C LEU A 187 4.64 -18.83 -8.29
N PRO A 188 5.31 -19.20 -9.39
CA PRO A 188 6.38 -20.21 -9.23
C PRO A 188 7.60 -19.60 -8.45
N GLN A 189 8.38 -20.43 -7.79
CA GLN A 189 9.61 -19.99 -7.16
C GLN A 189 10.50 -19.35 -8.20
N ASN A 190 11.14 -18.26 -7.77
CA ASN A 190 12.07 -17.36 -8.48
C ASN A 190 13.43 -17.95 -8.67
N GLY A 191 13.83 -18.68 -7.64
CA GLY A 191 15.21 -19.19 -7.47
C GLY A 191 15.93 -18.42 -6.34
N ARG A 192 15.54 -17.16 -6.07
CA ARG A 192 16.06 -16.32 -4.98
C ARG A 192 15.45 -16.73 -3.66
N GLN A 193 16.29 -16.66 -2.63
CA GLN A 193 15.87 -16.94 -1.23
C GLN A 193 16.30 -15.82 -0.29
N CYS A 194 15.41 -15.40 0.62
CA CYS A 194 15.71 -14.23 1.48
C CYS A 194 15.20 -14.53 2.82
N TYR A 195 15.80 -13.86 3.82
CA TYR A 195 15.36 -13.92 5.21
C TYR A 195 13.97 -13.31 5.38
N SER A 196 13.21 -13.93 6.31
CA SER A 196 11.83 -13.62 6.58
C SER A 196 11.59 -13.36 8.09
N CYS A 197 10.90 -12.26 8.40
CA CYS A 197 10.52 -11.83 9.73
C CYS A 197 9.73 -10.48 9.63
N LYS A 198 9.04 -10.11 10.71
CA LYS A 198 8.43 -8.78 10.87
C LYS A 198 8.19 -8.51 12.37
N GLY A 199 8.35 -7.27 12.80
CA GLY A 199 8.12 -6.90 14.22
C GLY A 199 9.22 -5.96 14.62
N ASN A 200 9.83 -6.14 15.79
CA ASN A 200 11.10 -5.46 16.05
C ASN A 200 12.24 -6.49 16.33
N SER A 201 13.44 -6.00 16.66
CA SER A 201 14.62 -6.87 16.85
C SER A 201 14.50 -7.85 18.02
N THR A 202 13.70 -7.50 19.00
CA THR A 202 13.39 -8.43 20.10
C THR A 202 12.15 -9.27 19.82
N HIS A 203 11.10 -8.67 19.26
CA HIS A 203 9.85 -9.40 19.00
C HIS A 203 9.45 -9.52 17.54
N GLY A 204 9.54 -10.74 17.02
CA GLY A 204 9.22 -11.03 15.62
C GLY A 204 10.41 -11.03 14.68
N CYS A 205 11.37 -10.11 14.88
CA CYS A 205 12.63 -10.10 14.08
C CYS A 205 13.91 -10.47 14.87
N SER A 206 13.76 -11.18 15.98
CA SER A 206 14.90 -11.86 16.58
C SER A 206 15.45 -12.94 15.63
N SER A 207 16.71 -13.29 15.85
CA SER A 207 17.36 -14.33 15.03
C SER A 207 16.60 -15.68 14.96
N GLU A 208 15.97 -16.09 16.07
CA GLU A 208 15.21 -17.35 16.15
C GLU A 208 13.99 -17.30 15.23
N GLU A 209 13.48 -16.08 15.00
CA GLU A 209 12.31 -15.87 14.17
C GLU A 209 12.65 -15.56 12.70
N THR A 210 13.93 -15.36 12.40
CA THR A 210 14.35 -14.88 11.10
C THR A 210 14.91 -16.06 10.36
N PHE A 211 14.29 -16.45 9.25
CA PHE A 211 14.73 -17.65 8.53
C PHE A 211 14.44 -17.47 7.04
N LEU A 212 15.04 -18.32 6.25
CA LEU A 212 15.16 -18.20 4.81
C LEU A 212 13.88 -18.75 4.19
N ILE A 213 13.32 -18.07 3.19
CA ILE A 213 12.19 -18.60 2.40
C ILE A 213 12.49 -18.46 0.92
N ASP A 214 11.69 -19.15 0.08
CA ASP A 214 11.83 -19.08 -1.38
C ASP A 214 11.02 -17.93 -1.95
N CYS A 215 11.64 -17.10 -2.79
CA CYS A 215 10.89 -15.98 -3.31
C CYS A 215 10.07 -16.48 -4.48
N ARG A 216 9.03 -15.73 -4.78
CA ARG A 216 8.06 -16.19 -5.73
C ARG A 216 7.73 -15.09 -6.72
N GLY A 217 7.44 -15.49 -7.96
CA GLY A 217 7.04 -14.59 -9.03
C GLY A 217 8.07 -13.52 -9.31
N PRO A 218 7.60 -12.29 -9.53
CA PRO A 218 8.51 -11.17 -9.84
C PRO A 218 9.17 -10.64 -8.53
N MET A 219 8.92 -11.29 -7.39
CA MET A 219 9.52 -10.74 -6.16
C MET A 219 10.88 -11.33 -5.90
N ASN A 220 11.88 -10.83 -6.62
CA ASN A 220 13.19 -11.45 -6.67
C ASN A 220 14.31 -10.67 -6.00
N GLN A 221 13.96 -9.64 -5.21
CA GLN A 221 14.92 -8.94 -4.32
C GLN A 221 14.72 -9.34 -2.89
N CYS A 222 15.83 -9.46 -2.13
CA CYS A 222 15.74 -9.55 -0.64
C CYS A 222 15.61 -8.18 -0.06
N LEU A 223 14.74 -8.04 0.95
CA LEU A 223 14.40 -6.72 1.48
C LEU A 223 14.50 -6.64 2.97
N VAL A 224 15.01 -5.52 3.46
CA VAL A 224 14.82 -5.20 4.87
C VAL A 224 14.39 -3.77 5.00
N ALA A 225 13.52 -3.46 5.93
CA ALA A 225 13.16 -2.07 6.12
C ALA A 225 12.90 -1.80 7.56
N THR A 226 13.36 -0.65 7.97
CA THR A 226 13.09 -0.24 9.31
C THR A 226 12.50 1.15 9.25
N GLY A 227 11.54 1.37 10.12
CA GLY A 227 11.09 2.72 10.33
C GLY A 227 10.30 2.74 11.59
N THR A 228 9.43 3.74 11.69
CA THR A 228 8.60 3.90 12.89
C THR A 228 7.17 3.65 12.48
N HIS A 229 6.56 2.65 13.11
CA HIS A 229 5.15 2.38 12.92
C HIS A 229 4.49 3.66 13.27
N GLU A 230 3.60 4.13 12.42
CA GLU A 230 3.06 5.48 12.64
C GLU A 230 2.04 5.53 13.80
N PRO A 231 1.00 4.68 13.77
CA PRO A 231 -0.06 4.78 14.78
C PRO A 231 0.47 4.90 16.23
N LYS A 232 1.34 3.99 16.65
CA LYS A 232 2.08 4.19 17.89
C LYS A 232 3.51 4.44 17.46
N ASN A 233 4.30 5.08 18.30
CA ASN A 233 5.65 5.51 17.88
C ASN A 233 6.74 4.43 17.81
N GLN A 234 6.38 3.17 18.01
CA GLN A 234 7.37 2.07 18.07
C GLN A 234 8.17 1.79 16.77
N SER A 235 9.42 1.36 16.93
CA SER A 235 10.25 0.85 15.87
C SER A 235 9.58 -0.36 15.26
N TYR A 236 9.74 -0.50 13.95
CA TYR A 236 9.22 -1.66 13.28
C TYR A 236 10.33 -2.12 12.33
N MET A 237 10.27 -3.37 11.89
CA MET A 237 11.18 -3.86 10.90
C MET A 237 10.47 -4.96 10.11
N VAL A 238 10.83 -5.11 8.85
CA VAL A 238 10.31 -6.23 8.09
C VAL A 238 11.44 -6.82 7.18
N ARG A 239 11.47 -8.13 6.98
CA ARG A 239 12.36 -8.78 6.00
C ARG A 239 11.61 -9.68 5.08
N GLY A 240 12.00 -9.79 3.82
CA GLY A 240 11.31 -10.73 2.94
C GLY A 240 11.73 -10.53 1.51
N CYS A 241 10.89 -11.03 0.59
CA CYS A 241 11.02 -10.87 -0.85
C CYS A 241 10.14 -9.74 -1.46
N ALA A 242 10.66 -9.03 -2.47
CA ALA A 242 10.01 -7.88 -3.02
C ALA A 242 10.27 -7.66 -4.52
N THR A 243 9.33 -7.05 -5.23
CA THR A 243 9.77 -6.44 -6.52
C THR A 243 10.68 -5.25 -6.23
N ALA A 244 11.59 -5.00 -7.16
CA ALA A 244 12.41 -3.82 -7.15
C ALA A 244 11.55 -2.58 -6.83
N SER A 245 10.44 -2.43 -7.54
CA SER A 245 9.46 -1.35 -7.20
C SER A 245 9.00 -1.31 -5.76
N MET A 246 9.05 -2.45 -5.05
CA MET A 246 8.59 -2.41 -3.66
C MET A 246 9.63 -1.71 -2.77
N CYS A 247 10.82 -1.49 -3.32
CA CYS A 247 11.96 -1.05 -2.51
C CYS A 247 11.98 0.47 -2.44
N GLN A 248 10.92 0.99 -1.87
CA GLN A 248 10.52 2.33 -2.09
C GLN A 248 9.73 2.70 -0.86
N HIS A 249 10.09 3.87 -0.32
CA HIS A 249 9.64 4.36 0.96
C HIS A 249 8.16 4.52 1.07
N ALA A 250 7.53 5.15 0.08
CA ALA A 250 6.09 5.39 0.12
C ALA A 250 5.31 4.07 0.11
N HIS A 251 5.70 3.15 -0.78
CA HIS A 251 4.99 1.87 -0.90
C HIS A 251 5.06 1.05 0.33
N LEU A 252 6.25 0.95 0.91
CA LEU A 252 6.40 0.34 2.22
C LEU A 252 5.63 1.12 3.32
N GLY A 253 5.73 2.47 3.31
CA GLY A 253 4.94 3.31 4.18
C GLY A 253 3.47 2.90 4.15
N ASP A 254 2.91 2.85 2.95
CA ASP A 254 1.51 2.55 2.75
C ASP A 254 1.21 1.19 3.32
N ALA A 255 1.91 0.19 2.80
CA ALA A 255 1.66 -1.19 3.12
C ALA A 255 1.80 -1.57 4.59
N PHE A 256 2.79 -1.02 5.29
CA PHE A 256 3.01 -1.37 6.68
C PHE A 256 2.76 -0.21 7.58
N SER A 257 2.22 0.91 7.06
CA SER A 257 1.93 1.99 7.99
C SER A 257 3.18 2.41 8.73
N MET A 258 4.20 2.78 7.97
CA MET A 258 5.49 3.07 8.57
C MET A 258 6.01 4.45 8.16
N CYS A 259 6.92 5.03 8.94
CA CYS A 259 7.67 6.20 8.41
C CYS A 259 9.09 6.44 8.87
N HIS A 260 9.80 7.24 8.07
CA HIS A 260 11.18 7.58 8.28
C HIS A 260 11.94 6.31 8.21
N ILE A 261 11.92 5.81 6.99
CA ILE A 261 12.18 4.45 6.68
C ILE A 261 13.53 4.33 6.08
N ASP A 262 14.25 3.31 6.49
CA ASP A 262 15.42 2.93 5.74
C ASP A 262 15.11 1.58 5.16
N VAL A 263 15.28 1.49 3.83
CA VAL A 263 15.10 0.27 3.07
C VAL A 263 16.44 -0.16 2.48
N SER A 264 16.66 -1.46 2.35
CA SER A 264 17.66 -2.01 1.41
C SER A 264 17.09 -3.20 0.69
N CYS A 265 17.38 -3.25 -0.59
CA CYS A 265 17.18 -4.43 -1.39
C CYS A 265 18.45 -4.87 -2.13
N CYS A 266 18.54 -6.17 -2.40
CA CYS A 266 19.75 -6.76 -2.93
C CYS A 266 19.34 -8.04 -3.57
N THR A 267 20.12 -8.47 -4.54
CA THR A 267 19.80 -9.57 -5.43
C THR A 267 20.81 -10.69 -5.23
N LYS A 268 21.31 -10.87 -4.00
CA LYS A 268 21.97 -12.15 -3.72
C LYS A 268 21.25 -12.88 -2.62
N SER A 269 20.98 -14.17 -2.87
CA SER A 269 20.22 -14.96 -1.92
C SER A 269 20.82 -14.85 -0.50
N GLY A 270 19.99 -14.59 0.51
CA GLY A 270 20.42 -14.42 1.89
C GLY A 270 21.07 -13.09 2.26
N CYS A 271 21.16 -12.16 1.29
CA CYS A 271 21.87 -10.86 1.46
C CYS A 271 21.12 -9.89 2.39
N ASN A 272 19.92 -10.31 2.76
CA ASN A 272 18.95 -9.82 3.75
C ASN A 272 19.30 -10.21 5.22
N HIS A 273 20.31 -11.04 5.36
CA HIS A 273 20.73 -11.43 6.69
C HIS A 273 20.89 -10.22 7.56
N PRO A 274 20.30 -10.22 8.77
CA PRO A 274 20.46 -9.08 9.75
C PRO A 274 21.93 -8.75 10.09
N ASP A 275 22.81 -9.73 10.00
CA ASP A 275 24.22 -9.40 10.21
C ASP A 275 24.89 -8.71 9.02
N LEU A 276 24.14 -8.51 7.94
CA LEU A 276 24.64 -7.81 6.79
C LEU A 276 23.98 -6.46 6.67
N ASP A 277 23.13 -6.10 7.64
CA ASP A 277 22.53 -4.76 7.66
C ASP A 277 23.55 -3.64 7.65
N VAL A 278 23.28 -2.59 6.88
CA VAL A 278 24.05 -1.35 6.92
C VAL A 278 23.14 -0.18 6.75
N GLN A 279 23.23 0.79 7.66
CA GLN A 279 22.48 2.06 7.58
C GLN A 279 22.76 2.77 6.27
N TYR A 280 21.78 3.51 5.75
CA TYR A 280 22.06 4.25 4.52
C TYR A 280 21.98 5.78 4.66
N ARG A 281 23.08 6.38 5.10
CA ARG A 281 23.19 7.83 5.32
C ARG A 281 21.85 8.47 5.66
N SER A 282 21.01 7.67 6.32
CA SER A 282 19.79 8.19 6.88
C SER A 282 20.12 9.46 7.68
N GLY A 283 21.36 9.62 8.14
CA GLY A 283 22.45 8.66 7.93
C GLY A 283 22.97 8.10 9.22
#